data_3MXQ
#
_entry.id   3MXQ
#
_cell.length_a   58.237
_cell.length_b   102.202
_cell.length_c   124.969
_cell.angle_alpha   90.00
_cell.angle_beta   100.12
_cell.angle_gamma   90.00
#
_symmetry.space_group_name_H-M   'C 1 2 1'
#
loop_
_entity.id
_entity.type
_entity.pdbx_description
1 polymer 'Sensor protein'
2 water water
#
_entity_poly.entity_id   1
_entity_poly.type   'polypeptide(L)'
_entity_poly.pdbx_seq_one_letter_code
;(MSE)HHHHHHENLYFQSNA(MSE)AKSRLLLSELLDQLSFALCIVRNDYVIVKVNEYFESRVIFDGET(MSE)QGKNIL
ELFPESADYLKRKIDTALVIESSSFSSWEQKPHLLPFKSSRPVSGEEEQ(MSE)YQNLEVIPIHSEDGTIEHVCLCVYDV
TIQASQQQ
;
_entity_poly.pdbx_strand_id   A,B,C,D
#
# COMPACT_ATOMS: atom_id res chain seq x y z
N PHE A 12 -2.55 -22.16 -16.92
CA PHE A 12 -2.97 -22.91 -15.69
C PHE A 12 -3.01 -21.95 -14.51
N GLN A 13 -3.17 -22.48 -13.30
CA GLN A 13 -3.12 -21.68 -12.07
C GLN A 13 -1.78 -20.97 -11.91
N SER A 14 -0.73 -21.56 -12.49
CA SER A 14 0.62 -21.02 -12.44
C SER A 14 0.70 -19.57 -12.94
N ASN A 15 0.06 -19.28 -14.06
CA ASN A 15 0.06 -17.95 -14.66
C ASN A 15 -0.72 -16.91 -13.84
N ALA A 16 -1.74 -17.37 -13.12
CA ALA A 16 -2.51 -16.50 -12.23
C ALA A 16 -1.64 -15.97 -11.10
N MSE A 17 -0.75 -16.81 -10.57
CA MSE A 17 0.16 -16.41 -9.50
C MSE A 17 1.28 -15.50 -9.99
O MSE A 17 1.60 -14.50 -9.35
CB MSE A 17 0.76 -17.63 -8.83
CG MSE A 17 -0.06 -18.17 -7.68
SE MSE A 17 0.73 -19.84 -7.05
CE MSE A 17 -0.77 -20.51 -5.94
N ALA A 18 1.87 -15.86 -11.11
CA ALA A 18 2.94 -15.08 -11.72
C ALA A 18 2.46 -13.67 -12.00
N LYS A 19 1.32 -13.55 -12.68
CA LYS A 19 0.81 -12.24 -13.11
C LYS A 19 0.49 -11.42 -11.88
N SER A 20 0.03 -12.12 -10.85
CA SER A 20 -0.30 -11.52 -9.57
C SER A 20 0.93 -10.90 -8.92
N ARG A 21 2.02 -11.66 -8.82
CA ARG A 21 3.27 -11.15 -8.28
C ARG A 21 3.83 -9.99 -9.11
N LEU A 22 3.83 -10.15 -10.42
CA LEU A 22 4.23 -9.10 -11.36
C LEU A 22 3.45 -7.79 -11.15
N LEU A 23 2.13 -7.92 -11.03
CA LEU A 23 1.24 -6.80 -10.85
C LEU A 23 1.68 -6.08 -9.61
N LEU A 24 1.67 -6.81 -8.50
CA LEU A 24 2.01 -6.25 -7.19
C LEU A 24 3.36 -5.57 -7.28
N SER A 25 4.33 -6.27 -7.84
CA SER A 25 5.66 -5.78 -7.90
C SER A 25 5.70 -4.46 -8.65
N GLU A 26 4.91 -4.35 -9.73
CA GLU A 26 4.96 -3.13 -10.56
C GLU A 26 4.18 -2.00 -9.89
N LEU A 27 3.21 -2.36 -9.05
CA LEU A 27 2.52 -1.34 -8.26
C LEU A 27 3.47 -0.71 -7.24
N LEU A 28 4.16 -1.55 -6.46
CA LEU A 28 5.09 -1.03 -5.46
C LEU A 28 6.24 -0.23 -6.09
N ASP A 29 6.71 -0.63 -7.27
CA ASP A 29 7.73 0.14 -7.96
C ASP A 29 7.23 1.57 -8.21
N GLN A 30 5.97 1.70 -8.60
CA GLN A 30 5.44 2.99 -9.01
C GLN A 30 5.03 3.85 -7.84
N LEU A 31 4.64 3.23 -6.74
CA LEU A 31 4.25 3.99 -5.54
C LEU A 31 5.38 4.34 -4.59
N SER A 32 6.55 3.76 -4.77
CA SER A 32 7.61 3.97 -3.80
C SER A 32 8.19 5.38 -3.92
N PHE A 33 8.63 5.93 -2.81
CA PHE A 33 9.13 7.29 -2.78
C PHE A 33 10.13 7.42 -1.65
N ALA A 34 10.97 8.44 -1.72
CA ALA A 34 11.93 8.69 -0.66
C ALA A 34 11.24 9.53 0.40
N LEU A 35 11.58 9.25 1.66
CA LEU A 35 10.97 9.93 2.79
C LEU A 35 11.99 10.23 3.86
N CYS A 36 11.94 11.45 4.37
CA CYS A 36 12.91 11.92 5.34
C CYS A 36 12.26 12.88 6.32
N ILE A 37 12.46 12.67 7.63
CA ILE A 37 11.97 13.66 8.59
C ILE A 37 13.15 14.45 9.11
N VAL A 38 13.00 15.76 9.17
CA VAL A 38 14.05 16.59 9.73
C VAL A 38 13.56 17.46 10.86
N ARG A 39 14.43 17.65 11.85
CA ARG A 39 14.18 18.56 12.93
C ARG A 39 14.17 19.97 12.33
N ASN A 40 13.78 20.99 13.09
CA ASN A 40 13.72 22.34 12.52
C ASN A 40 15.08 23.00 12.39
N ASP A 41 16.12 22.31 12.87
CA ASP A 41 17.51 22.75 12.71
C ASP A 41 18.20 21.89 11.64
N TYR A 42 17.38 21.25 10.82
CA TYR A 42 17.82 20.52 9.62
C TYR A 42 18.46 19.15 9.88
N VAL A 43 18.48 18.76 11.16
CA VAL A 43 19.06 17.49 11.57
C VAL A 43 18.11 16.34 11.23
N ILE A 44 18.64 15.31 10.56
CA ILE A 44 17.82 14.17 10.14
C ILE A 44 17.45 13.27 11.29
N VAL A 45 16.16 12.96 11.38
CA VAL A 45 15.62 12.21 12.48
C VAL A 45 15.25 10.79 12.05
N LYS A 46 14.60 10.67 10.90
CA LYS A 46 14.13 9.38 10.39
C LYS A 46 14.24 9.40 8.89
N VAL A 47 14.44 8.22 8.32
CA VAL A 47 14.59 8.10 6.88
C VAL A 47 14.12 6.72 6.38
N ASN A 48 13.38 6.72 5.27
CA ASN A 48 13.10 5.54 4.43
C ASN A 48 14.26 4.65 4.12
N GLU A 49 13.97 3.36 3.98
CA GLU A 49 14.87 2.39 3.35
C GLU A 49 15.06 2.82 1.90
N TYR A 50 13.98 3.24 1.25
CA TYR A 50 14.02 3.66 -0.14
C TYR A 50 14.92 4.88 -0.35
N PHE A 51 14.95 5.78 0.63
CA PHE A 51 15.83 6.95 0.61
C PHE A 51 17.29 6.50 0.67
N GLU A 52 17.62 5.64 1.65
CA GLU A 52 18.98 5.11 1.82
C GLU A 52 19.51 4.53 0.53
N SER A 53 18.72 3.66 -0.08
CA SER A 53 19.13 2.90 -1.23
C SER A 53 19.53 3.81 -2.40
N ARG A 54 19.05 5.05 -2.39
CA ARG A 54 19.29 5.94 -3.52
C ARG A 54 20.31 7.06 -3.26
N VAL A 55 20.88 7.07 -2.07
CA VAL A 55 21.96 8.00 -1.76
C VAL A 55 23.20 7.21 -1.43
N ILE A 56 24.35 7.90 -1.49
CA ILE A 56 25.62 7.28 -1.13
C ILE A 56 25.66 6.86 0.33
N PHE A 57 24.93 7.57 1.17
CA PHE A 57 24.89 7.26 2.59
C PHE A 57 23.92 6.12 2.91
N ASP A 58 24.11 5.54 4.09
CA ASP A 58 23.18 4.57 4.65
C ASP A 58 22.55 5.16 5.91
N GLY A 59 21.36 4.67 6.23
CA GLY A 59 20.52 5.19 7.32
C GLY A 59 21.24 5.41 8.64
N GLU A 60 22.06 4.44 9.04
CA GLU A 60 22.80 4.55 10.29
C GLU A 60 23.63 5.84 10.33
N THR A 61 24.33 6.12 9.24
CA THR A 61 25.26 7.25 9.13
C THR A 61 24.53 8.60 9.10
N MSE A 62 23.35 8.63 8.48
CA MSE A 62 22.62 9.88 8.24
C MSE A 62 21.93 10.44 9.45
O MSE A 62 21.70 11.64 9.55
CB MSE A 62 21.59 9.68 7.14
CG MSE A 62 22.16 9.30 5.81
SE MSE A 62 20.83 9.52 4.40
CE MSE A 62 20.82 11.45 4.28
N GLN A 63 21.53 9.57 10.37
CA GLN A 63 20.69 10.00 11.48
C GLN A 63 21.47 10.86 12.46
N GLY A 64 20.89 11.99 12.84
CA GLY A 64 21.55 12.93 13.75
C GLY A 64 22.56 13.81 13.03
N LYS A 65 22.34 14.00 11.74
CA LYS A 65 23.18 14.86 10.90
C LYS A 65 22.33 15.84 10.11
N ASN A 66 22.91 16.99 9.78
CA ASN A 66 22.23 18.05 9.04
C ASN A 66 22.11 17.73 7.54
N ILE A 67 20.89 17.77 7.00
CA ILE A 67 20.67 17.47 5.57
C ILE A 67 21.47 18.42 4.70
N LEU A 68 21.51 19.68 5.14
CA LEU A 68 22.16 20.74 4.39
C LEU A 68 23.65 20.48 4.25
N GLU A 69 24.24 19.82 5.27
CA GLU A 69 25.65 19.43 5.19
C GLU A 69 25.86 18.16 4.36
N LEU A 70 24.88 17.25 4.40
CA LEU A 70 25.00 15.96 3.71
C LEU A 70 24.79 16.07 2.22
N PHE A 71 24.05 17.09 1.79
CA PHE A 71 23.79 17.29 0.37
C PHE A 71 24.05 18.72 -0.05
N PRO A 72 25.28 19.21 0.15
CA PRO A 72 25.58 20.63 0.04
C PRO A 72 25.16 21.27 -1.29
N GLU A 73 25.39 20.58 -2.40
CA GLU A 73 25.02 21.10 -3.70
C GLU A 73 23.52 21.35 -3.86
N SER A 74 22.75 20.98 -2.84
CA SER A 74 21.30 21.14 -2.86
C SER A 74 20.82 22.00 -1.70
N ALA A 75 21.71 22.28 -0.76
CA ALA A 75 21.35 22.98 0.48
C ALA A 75 20.50 24.23 0.29
N ASP A 76 20.92 25.11 -0.62
CA ASP A 76 20.20 26.35 -0.92
C ASP A 76 18.73 26.14 -1.21
N TYR A 77 18.46 25.25 -2.14
CA TYR A 77 17.11 24.96 -2.58
C TYR A 77 16.31 24.35 -1.42
N LEU A 78 16.88 23.32 -0.79
CA LEU A 78 16.29 22.63 0.34
C LEU A 78 15.95 23.55 1.51
N LYS A 79 16.86 24.46 1.84
CA LYS A 79 16.62 25.41 2.92
C LYS A 79 15.45 26.33 2.60
N ARG A 80 15.33 26.75 1.34
CA ARG A 80 14.23 27.60 0.96
C ARG A 80 12.91 26.85 1.10
N LYS A 81 12.92 25.59 0.71
CA LYS A 81 11.75 24.75 0.82
C LYS A 81 11.37 24.48 2.27
N ILE A 82 12.34 24.08 3.08
CA ILE A 82 12.06 23.77 4.47
C ILE A 82 11.64 25.02 5.24
N ASP A 83 12.32 26.13 4.94
CA ASP A 83 12.01 27.38 5.63
C ASP A 83 10.64 27.91 5.26
N THR A 84 10.24 27.73 4.00
CA THR A 84 8.89 28.09 3.57
C THR A 84 7.86 27.40 4.46
N ALA A 85 7.99 26.09 4.61
CA ALA A 85 7.12 25.35 5.49
C ALA A 85 7.14 25.93 6.90
N LEU A 86 8.32 26.26 7.39
CA LEU A 86 8.49 26.69 8.76
C LEU A 86 7.84 28.03 9.05
N VAL A 87 7.79 28.91 8.04
CA VAL A 87 7.26 30.27 8.21
C VAL A 87 5.80 30.45 7.81
N ILE A 88 5.34 29.74 6.78
CA ILE A 88 3.96 29.91 6.33
C ILE A 88 3.06 28.86 6.93
N GLU A 89 3.66 28.04 7.80
CA GLU A 89 2.96 26.97 8.53
C GLU A 89 2.13 26.05 7.62
N SER A 90 2.68 25.66 6.47
CA SER A 90 1.90 24.90 5.51
C SER A 90 2.73 23.99 4.63
N SER A 91 2.07 22.96 4.10
CA SER A 91 2.75 22.01 3.22
C SER A 91 2.87 22.62 1.84
N SER A 92 3.77 22.08 1.05
CA SER A 92 3.97 22.52 -0.32
C SER A 92 4.26 21.32 -1.20
N PHE A 93 3.90 21.43 -2.47
CA PHE A 93 4.15 20.38 -3.44
C PHE A 93 4.53 21.00 -4.78
N SER A 94 5.69 20.61 -5.30
CA SER A 94 6.16 21.10 -6.58
C SER A 94 7.18 20.15 -7.16
N SER A 95 7.44 20.28 -8.46
CA SER A 95 8.51 19.53 -9.07
C SER A 95 9.83 20.07 -8.52
N TRP A 96 10.88 19.26 -8.59
CA TRP A 96 12.18 19.70 -8.14
C TRP A 96 12.75 20.64 -9.19
N GLU A 97 12.87 21.92 -8.82
CA GLU A 97 13.18 22.98 -9.78
C GLU A 97 14.66 23.26 -10.01
N GLN A 98 15.50 22.92 -9.04
CA GLN A 98 16.95 23.17 -9.14
C GLN A 98 17.65 22.08 -9.97
N LYS A 99 18.65 22.48 -10.76
CA LYS A 99 19.37 21.57 -11.66
C LYS A 99 20.03 20.37 -10.97
N PRO A 100 20.78 20.59 -9.85
CA PRO A 100 21.24 19.39 -9.13
C PRO A 100 20.12 18.77 -8.28
N HIS A 101 19.69 17.57 -8.67
CA HIS A 101 18.68 16.80 -7.94
C HIS A 101 19.28 16.08 -6.75
N LEU A 102 18.57 16.09 -5.63
CA LEU A 102 18.95 15.33 -4.44
C LEU A 102 19.10 13.83 -4.66
N LEU A 103 18.24 13.26 -5.50
CA LEU A 103 18.22 11.82 -5.73
C LEU A 103 18.43 11.48 -7.20
N PRO A 104 19.19 10.40 -7.48
CA PRO A 104 19.75 10.16 -8.82
C PRO A 104 18.84 9.52 -9.89
N PHE A 105 17.53 9.43 -9.64
CA PHE A 105 16.61 8.88 -10.65
C PHE A 105 15.95 10.01 -11.45
N GLU A 116 12.12 9.36 -23.60
CA GLU A 116 11.34 9.08 -22.40
C GLU A 116 11.90 9.80 -21.17
N GLN A 117 11.61 11.10 -21.08
CA GLN A 117 12.15 11.95 -20.01
C GLN A 117 11.44 11.79 -18.68
N MSE A 118 12.22 11.78 -17.61
CA MSE A 118 11.70 11.70 -16.26
C MSE A 118 11.99 12.97 -15.45
O MSE A 118 12.78 13.80 -15.87
CB MSE A 118 12.22 10.44 -15.53
CG MSE A 118 13.66 10.04 -15.83
SE MSE A 118 14.01 8.18 -15.30
CE MSE A 118 15.00 7.58 -16.90
N TYR A 119 11.33 13.11 -14.30
CA TYR A 119 11.54 14.24 -13.39
C TYR A 119 11.03 13.92 -11.97
N GLN A 120 11.48 14.71 -11.00
CA GLN A 120 11.14 14.51 -9.60
C GLN A 120 10.20 15.57 -9.06
N ASN A 121 9.30 15.13 -8.17
CA ASN A 121 8.47 16.03 -7.38
C ASN A 121 8.91 16.01 -5.92
N LEU A 122 8.70 17.14 -5.25
CA LEU A 122 9.07 17.32 -3.85
C LEU A 122 7.90 17.83 -3.04
N GLU A 123 7.68 17.19 -1.90
CA GLU A 123 6.60 17.56 -0.98
C GLU A 123 7.23 17.84 0.38
N VAL A 124 6.96 19.02 0.89
CA VAL A 124 7.39 19.41 2.23
C VAL A 124 6.17 19.57 3.15
N ILE A 125 6.14 18.83 4.24
CA ILE A 125 5.02 18.88 5.17
C ILE A 125 5.50 19.18 6.58
N PRO A 126 5.01 20.30 7.15
CA PRO A 126 5.36 20.68 8.53
C PRO A 126 4.71 19.73 9.52
N ILE A 127 5.32 19.55 10.69
CA ILE A 127 4.73 18.73 11.76
C ILE A 127 4.69 19.46 13.11
N HIS A 128 3.47 19.76 13.56
CA HIS A 128 3.25 20.55 14.75
C HIS A 128 3.33 19.72 16.01
N SER A 129 4.00 20.27 17.03
CA SER A 129 3.99 19.66 18.34
C SER A 129 2.71 19.99 19.08
N GLU A 130 2.45 19.26 20.16
CA GLU A 130 1.31 19.53 21.05
C GLU A 130 1.13 21.03 21.32
N ASP A 131 2.22 21.69 21.70
CA ASP A 131 2.27 23.16 21.90
C ASP A 131 1.73 23.96 20.71
N GLY A 132 2.06 23.52 19.50
CA GLY A 132 1.65 24.19 18.28
C GLY A 132 2.84 24.37 17.35
N THR A 133 4.00 24.54 17.97
CA THR A 133 5.26 24.81 17.27
C THR A 133 5.63 23.74 16.27
N ILE A 134 6.15 24.16 15.13
CA ILE A 134 6.63 23.23 14.12
C ILE A 134 8.06 22.82 14.42
N GLU A 135 8.21 21.58 14.87
CA GLU A 135 9.51 21.08 15.34
C GLU A 135 10.16 20.09 14.38
N HIS A 136 9.35 19.50 13.51
CA HIS A 136 9.88 18.67 12.45
C HIS A 136 9.21 19.03 11.14
N VAL A 137 9.90 18.76 10.04
CA VAL A 137 9.20 18.66 8.76
C VAL A 137 9.49 17.33 8.05
N CYS A 138 8.47 16.85 7.35
CA CYS A 138 8.55 15.67 6.53
C CYS A 138 8.90 16.02 5.08
N LEU A 139 9.77 15.23 4.47
CA LEU A 139 10.17 15.43 3.06
C LEU A 139 9.96 14.14 2.29
N CYS A 140 9.33 14.26 1.14
CA CYS A 140 9.05 13.11 0.33
C CYS A 140 9.44 13.48 -1.08
N VAL A 141 10.24 12.62 -1.71
CA VAL A 141 10.65 12.88 -3.09
C VAL A 141 10.06 11.82 -4.00
N TYR A 142 9.28 12.27 -4.98
CA TYR A 142 8.56 11.39 -5.90
C TYR A 142 9.17 11.44 -7.26
N ASP A 143 9.18 10.29 -7.94
CA ASP A 143 9.71 10.18 -9.29
C ASP A 143 8.60 10.03 -10.31
N VAL A 144 8.60 10.89 -11.32
CA VAL A 144 7.66 10.79 -12.43
C VAL A 144 8.39 10.51 -13.76
N THR A 145 7.68 9.92 -14.72
CA THR A 145 8.23 9.54 -16.02
C THR A 145 7.24 9.89 -17.12
N ILE A 146 7.64 10.76 -18.04
CA ILE A 146 6.76 11.24 -19.12
C ILE A 146 6.88 10.42 -20.40
N GLN A 147 6.29 10.93 -21.49
CA GLN A 147 6.22 10.26 -22.80
C GLN A 147 5.49 8.92 -22.75
N GLU B 8 1.60 12.59 15.18
CA GLU B 8 0.37 11.90 15.69
C GLU B 8 -0.47 12.76 16.65
N ASN B 9 -0.25 14.08 16.62
CA ASN B 9 -1.18 15.03 17.23
C ASN B 9 -2.08 15.55 16.11
N LEU B 10 -2.93 14.66 15.58
CA LEU B 10 -3.58 14.84 14.28
C LEU B 10 -4.68 15.94 14.17
N TYR B 11 -4.63 16.95 15.05
CA TYR B 11 -5.59 18.06 15.03
C TYR B 11 -5.28 19.06 13.92
N PHE B 12 -3.99 19.28 13.68
CA PHE B 12 -3.53 20.10 12.57
C PHE B 12 -3.44 19.23 11.33
N GLN B 13 -3.94 19.73 10.21
CA GLN B 13 -4.04 18.95 8.98
C GLN B 13 -2.69 18.47 8.42
N SER B 14 -1.67 19.31 8.50
CA SER B 14 -0.31 18.90 8.12
C SER B 14 0.14 17.63 8.85
N ASN B 15 -0.18 17.53 10.13
CA ASN B 15 0.10 16.32 10.88
C ASN B 15 -0.54 15.08 10.30
N ALA B 16 -1.77 15.23 9.80
CA ALA B 16 -2.48 14.12 9.15
C ALA B 16 -1.81 13.68 7.86
N MSE B 17 -1.31 14.63 7.07
CA MSE B 17 -0.65 14.28 5.82
C MSE B 17 0.63 13.53 6.12
O MSE B 17 0.91 12.49 5.51
CB MSE B 17 -0.32 15.52 4.98
CG MSE B 17 -1.46 16.50 4.81
SE MSE B 17 -1.03 17.79 3.41
CE MSE B 17 -1.54 19.48 4.28
N ALA B 18 1.42 14.04 7.06
CA ALA B 18 2.66 13.40 7.45
C ALA B 18 2.44 11.99 7.99
N LYS B 19 1.35 11.81 8.75
CA LYS B 19 0.98 10.49 9.27
C LYS B 19 0.67 9.59 8.08
N SER B 20 -0.09 10.14 7.14
CA SER B 20 -0.49 9.39 5.98
C SER B 20 0.72 8.91 5.19
N ARG B 21 1.72 9.77 4.99
CA ARG B 21 2.90 9.42 4.21
C ARG B 21 3.72 8.37 4.92
N LEU B 22 3.95 8.55 6.22
CA LEU B 22 4.72 7.61 7.03
C LEU B 22 4.09 6.23 6.99
N LEU B 23 2.76 6.20 7.05
CA LEU B 23 2.02 4.95 6.95
C LEU B 23 2.18 4.30 5.59
N LEU B 24 2.08 5.10 4.53
CA LEU B 24 2.28 4.54 3.21
C LEU B 24 3.69 3.97 3.11
N SER B 25 4.67 4.72 3.60
CA SER B 25 6.02 4.24 3.61
C SER B 25 6.12 2.91 4.36
N GLU B 26 5.55 2.84 5.58
CA GLU B 26 5.57 1.60 6.37
C GLU B 26 5.00 0.41 5.56
N LEU B 27 3.85 0.60 4.94
CA LEU B 27 3.23 -0.45 4.14
C LEU B 27 4.13 -0.95 3.00
N LEU B 28 4.72 -0.02 2.25
CA LEU B 28 5.56 -0.41 1.12
C LEU B 28 6.78 -1.19 1.57
N ASP B 29 7.38 -0.77 2.66
CA ASP B 29 8.49 -1.47 3.30
C ASP B 29 8.09 -2.90 3.62
N GLN B 30 6.88 -3.05 4.17
CA GLN B 30 6.35 -4.36 4.53
C GLN B 30 6.15 -5.28 3.32
N LEU B 31 5.49 -4.77 2.29
CA LEU B 31 5.17 -5.55 1.10
C LEU B 31 6.33 -5.78 0.14
N SER B 32 7.35 -4.95 0.25
CA SER B 32 8.48 -4.99 -0.67
C SER B 32 9.11 -6.38 -0.71
N PHE B 33 9.38 -6.85 -1.93
CA PHE B 33 10.03 -8.14 -2.14
C PHE B 33 10.84 -8.11 -3.43
N ALA B 34 11.67 -9.12 -3.64
CA ALA B 34 12.53 -9.20 -4.81
C ALA B 34 11.95 -10.16 -5.83
N LEU B 35 11.89 -9.72 -7.08
CA LEU B 35 11.30 -10.51 -8.13
C LEU B 35 12.19 -10.46 -9.33
N CYS B 36 12.51 -11.62 -9.87
CA CYS B 36 12.98 -11.68 -11.23
C CYS B 36 12.38 -12.87 -11.95
N ILE B 37 12.53 -12.88 -13.26
CA ILE B 37 11.99 -13.94 -14.08
C ILE B 37 13.14 -14.47 -14.93
N VAL B 38 13.36 -15.77 -14.82
CA VAL B 38 14.42 -16.44 -15.58
C VAL B 38 13.79 -17.44 -16.55
N ARG B 39 14.53 -17.78 -17.61
CA ARG B 39 14.09 -18.82 -18.53
C ARG B 39 14.87 -20.12 -18.35
N ASN B 40 14.52 -21.15 -19.13
CA ASN B 40 15.16 -22.47 -19.05
C ASN B 40 16.69 -22.41 -19.17
N ASP B 41 17.19 -21.49 -19.99
CA ASP B 41 18.62 -21.19 -20.07
C ASP B 41 19.23 -20.78 -18.74
N TYR B 42 18.39 -20.43 -17.75
CA TYR B 42 18.80 -19.78 -16.50
C TYR B 42 19.21 -18.32 -16.71
N VAL B 43 18.77 -17.74 -17.82
CA VAL B 43 19.03 -16.34 -18.15
C VAL B 43 17.90 -15.49 -17.58
N ILE B 44 18.25 -14.29 -17.12
CA ILE B 44 17.30 -13.38 -16.47
C ILE B 44 16.72 -12.40 -17.49
N VAL B 45 15.41 -12.43 -17.66
CA VAL B 45 14.77 -11.57 -18.65
C VAL B 45 13.91 -10.48 -18.04
N LYS B 46 13.73 -10.50 -16.72
CA LYS B 46 13.00 -9.43 -16.02
C LYS B 46 13.43 -9.37 -14.56
N VAL B 47 13.44 -8.16 -14.00
CA VAL B 47 13.85 -7.97 -12.61
C VAL B 47 13.35 -6.64 -12.03
N ASN B 48 12.66 -6.76 -10.89
CA ASN B 48 12.42 -5.73 -9.88
C ASN B 48 13.43 -4.63 -9.76
N GLU B 49 12.98 -3.40 -9.56
CA GLU B 49 13.88 -2.35 -9.09
C GLU B 49 14.37 -2.77 -7.70
N TYR B 50 13.45 -3.32 -6.88
CA TYR B 50 13.83 -3.78 -5.56
C TYR B 50 15.05 -4.72 -5.58
N PHE B 51 14.98 -5.76 -6.42
CA PHE B 51 16.06 -6.75 -6.54
C PHE B 51 17.39 -6.11 -6.92
N GLU B 52 17.36 -5.33 -8.01
CA GLU B 52 18.56 -4.68 -8.53
C GLU B 52 19.20 -3.72 -7.55
N SER B 53 18.38 -3.04 -6.75
CA SER B 53 18.87 -2.13 -5.72
C SER B 53 19.30 -2.85 -4.44
N ARG B 54 19.30 -4.18 -4.44
CA ARG B 54 19.57 -4.94 -3.21
C ARG B 54 20.60 -6.07 -3.37
N VAL B 55 21.23 -6.13 -4.54
CA VAL B 55 22.31 -7.08 -4.80
C VAL B 55 23.25 -6.51 -5.86
N ILE B 56 24.56 -6.77 -5.72
CA ILE B 56 25.55 -6.26 -6.67
C ILE B 56 26.52 -7.36 -7.06
N MSE B 62 22.02 -6.31 -14.65
CA MSE B 62 21.62 -7.62 -14.13
C MSE B 62 20.75 -8.44 -15.10
O MSE B 62 20.69 -9.66 -15.02
CB MSE B 62 20.93 -7.47 -12.76
CG MSE B 62 20.85 -8.74 -11.94
SE MSE B 62 20.18 -8.46 -10.11
CE MSE B 62 19.09 -10.07 -9.95
N GLN B 63 20.10 -7.75 -16.04
CA GLN B 63 19.28 -8.39 -17.06
C GLN B 63 20.14 -8.98 -18.18
N GLY B 64 19.86 -10.23 -18.55
CA GLY B 64 20.64 -10.95 -19.56
C GLY B 64 21.65 -11.90 -18.97
N LYS B 65 22.01 -11.68 -17.71
CA LYS B 65 22.94 -12.53 -16.97
C LYS B 65 22.31 -13.88 -16.61
N ASN B 66 23.17 -14.83 -16.25
CA ASN B 66 22.75 -16.14 -15.81
C ASN B 66 22.65 -16.14 -14.29
N ILE B 67 21.45 -16.44 -13.79
CA ILE B 67 21.14 -16.36 -12.36
C ILE B 67 22.13 -17.17 -11.51
N LEU B 68 22.68 -18.23 -12.09
CA LEU B 68 23.64 -19.10 -11.40
C LEU B 68 25.06 -18.56 -11.44
N GLU B 69 25.40 -17.89 -12.55
CA GLU B 69 26.69 -17.24 -12.71
C GLU B 69 26.80 -16.02 -11.80
N LEU B 70 25.67 -15.38 -11.52
CA LEU B 70 25.59 -14.19 -10.66
C LEU B 70 25.77 -14.48 -9.17
N PHE B 71 25.23 -15.60 -8.70
CA PHE B 71 25.26 -15.95 -7.27
C PHE B 71 25.86 -17.34 -7.08
N PRO B 72 27.20 -17.41 -6.98
CA PRO B 72 27.96 -18.65 -7.06
C PRO B 72 27.73 -19.61 -5.90
N GLU B 73 27.73 -19.09 -4.67
CA GLU B 73 27.55 -19.90 -3.47
C GLU B 73 26.20 -20.62 -3.47
N SER B 74 25.20 -19.96 -4.07
CA SER B 74 23.82 -20.43 -4.05
C SER B 74 23.46 -21.31 -5.25
N ALA B 75 24.26 -21.19 -6.31
CA ALA B 75 23.99 -21.83 -7.61
C ALA B 75 23.45 -23.26 -7.50
N ASP B 76 24.01 -24.05 -6.58
CA ASP B 76 23.56 -25.41 -6.35
C ASP B 76 22.07 -25.43 -5.99
N TYR B 77 21.72 -24.68 -4.95
CA TYR B 77 20.37 -24.61 -4.43
C TYR B 77 19.40 -24.01 -5.46
N LEU B 78 19.83 -22.95 -6.14
CA LEU B 78 18.98 -22.24 -7.10
C LEU B 78 18.54 -23.10 -8.30
N LYS B 79 19.48 -23.85 -8.88
CA LYS B 79 19.16 -24.70 -10.02
C LYS B 79 18.03 -25.69 -9.66
N ARG B 80 18.23 -26.38 -8.53
CA ARG B 80 17.26 -27.34 -8.03
C ARG B 80 15.88 -26.84 -7.99
N LYS B 81 15.77 -25.66 -7.23
CA LYS B 81 14.50 -25.05 -7.03
C LYS B 81 13.81 -24.62 -8.30
N ILE B 82 14.59 -24.08 -9.26
CA ILE B 82 14.08 -23.68 -10.56
C ILE B 82 13.60 -24.93 -11.33
N ASP B 83 14.48 -25.89 -11.47
CA ASP B 83 14.16 -27.13 -12.21
C ASP B 83 12.99 -27.97 -11.62
N THR B 84 12.80 -27.83 -10.30
CA THR B 84 11.67 -28.48 -9.63
C THR B 84 10.40 -27.94 -10.31
N ALA B 85 10.12 -26.64 -10.15
CA ALA B 85 8.89 -26.02 -10.64
C ALA B 85 8.45 -26.45 -12.03
N LEU B 86 9.39 -26.44 -12.93
CA LEU B 86 9.07 -26.76 -14.32
C LEU B 86 8.79 -28.26 -14.55
N VAL B 87 9.37 -29.14 -13.70
CA VAL B 87 9.08 -30.58 -13.83
C VAL B 87 7.77 -30.97 -13.15
N ILE B 88 7.44 -30.35 -12.01
CA ILE B 88 6.14 -30.60 -11.37
C ILE B 88 5.07 -29.83 -12.13
N GLU B 89 5.52 -28.81 -12.88
CA GLU B 89 4.65 -27.81 -13.51
C GLU B 89 3.87 -27.00 -12.47
N SER B 90 4.29 -27.08 -11.21
CA SER B 90 3.66 -26.32 -10.12
C SER B 90 4.68 -25.49 -9.30
N SER B 91 4.18 -24.81 -8.27
CA SER B 91 4.95 -23.86 -7.47
C SER B 91 5.76 -24.49 -6.32
N SER B 92 6.77 -23.75 -5.85
CA SER B 92 7.67 -24.23 -4.80
C SER B 92 8.01 -23.14 -3.78
N PHE B 93 7.12 -22.95 -2.82
CA PHE B 93 7.36 -22.04 -1.71
C PHE B 93 8.22 -22.76 -0.68
N SER B 94 9.40 -22.21 -0.37
CA SER B 94 10.35 -22.87 0.54
C SER B 94 11.28 -21.90 1.28
N SER B 95 11.86 -22.36 2.39
CA SER B 95 12.86 -21.58 3.12
C SER B 95 14.27 -21.84 2.59
N GLU B 97 15.93 -23.48 4.87
CA GLU B 97 16.63 -24.59 4.22
C GLU B 97 17.95 -24.15 3.58
N GLN B 98 17.91 -23.01 2.89
CA GLN B 98 19.08 -22.49 2.16
C GLN B 98 20.22 -22.10 3.08
N LYS B 99 21.43 -22.53 2.73
CA LYS B 99 22.64 -22.19 3.48
C LYS B 99 23.67 -21.47 2.59
N PRO B 100 24.29 -22.20 1.63
CA PRO B 100 25.37 -21.58 0.86
C PRO B 100 24.83 -20.64 -0.23
N LEU B 102 20.58 -17.26 1.93
CA LEU B 102 20.59 -17.40 0.48
C LEU B 102 21.19 -16.16 -0.20
N LEU B 103 20.40 -15.48 -1.04
CA LEU B 103 20.89 -14.32 -1.82
C LEU B 103 20.87 -13.01 -1.02
N PRO B 104 22.02 -12.29 -0.98
CA PRO B 104 22.26 -11.05 -0.23
C PRO B 104 21.03 -10.15 -0.03
N GLN B 117 18.40 -16.06 13.33
CA GLN B 117 18.64 -15.65 11.95
C GLN B 117 17.50 -14.76 11.42
N MSE B 118 17.73 -14.16 10.26
CA MSE B 118 16.71 -13.41 9.55
C MSE B 118 16.45 -14.11 8.22
O MSE B 118 17.22 -13.95 7.26
CB MSE B 118 17.15 -11.96 9.32
N TYR B 119 15.38 -14.89 8.18
CA TYR B 119 15.10 -15.80 7.06
C TYR B 119 14.75 -15.11 5.73
N GLN B 120 15.00 -15.84 4.63
CA GLN B 120 14.58 -15.43 3.29
C GLN B 120 13.79 -16.57 2.66
N ASN B 121 12.50 -16.34 2.44
CA ASN B 121 11.67 -17.35 1.81
C ASN B 121 11.68 -17.18 0.30
N LEU B 122 11.67 -18.31 -0.41
CA LEU B 122 11.76 -18.31 -1.86
C LEU B 122 10.52 -18.93 -2.51
N GLU B 123 10.05 -18.28 -3.56
CA GLU B 123 8.88 -18.73 -4.30
C GLU B 123 9.25 -18.85 -5.77
N VAL B 124 8.96 -20.00 -6.36
CA VAL B 124 9.23 -20.23 -7.79
C VAL B 124 7.92 -20.59 -8.48
N ILE B 125 7.59 -19.85 -9.54
CA ILE B 125 6.36 -20.11 -10.27
C ILE B 125 6.64 -20.32 -11.75
N PRO B 126 6.26 -21.49 -12.28
CA PRO B 126 6.35 -21.79 -13.72
C PRO B 126 5.50 -20.90 -14.62
N ILE B 127 5.93 -20.68 -15.85
CA ILE B 127 5.15 -19.89 -16.81
C ILE B 127 4.85 -20.69 -18.07
N HIS B 128 3.65 -21.26 -18.14
CA HIS B 128 3.16 -21.98 -19.31
C HIS B 128 3.04 -21.02 -20.50
N SER B 129 3.80 -21.28 -21.56
CA SER B 129 3.69 -20.52 -22.81
C SER B 129 2.38 -20.89 -23.54
N GLU B 130 2.06 -20.16 -24.61
CA GLU B 130 0.85 -20.40 -25.42
C GLU B 130 0.63 -21.89 -25.76
N ASP B 131 1.72 -22.58 -26.12
CA ASP B 131 1.69 -24.02 -26.43
C ASP B 131 1.32 -24.87 -25.21
N GLY B 132 1.80 -24.48 -24.03
CA GLY B 132 1.53 -25.21 -22.79
C GLY B 132 2.79 -25.57 -22.04
N THR B 133 3.89 -25.72 -22.77
CA THR B 133 5.18 -26.04 -22.18
C THR B 133 5.77 -24.82 -21.48
N ILE B 134 6.54 -25.06 -20.43
CA ILE B 134 7.04 -24.02 -19.56
C ILE B 134 8.41 -23.51 -20.01
N GLU B 135 8.44 -22.27 -20.49
CA GLU B 135 9.68 -21.62 -20.91
C GLU B 135 10.31 -20.71 -19.82
N HIS B 136 9.48 -20.21 -18.89
CA HIS B 136 9.97 -19.35 -17.82
C HIS B 136 9.53 -19.75 -16.42
N VAL B 137 10.28 -19.29 -15.41
CA VAL B 137 9.79 -19.26 -14.03
C VAL B 137 10.00 -17.90 -13.36
N CYS B 138 9.08 -17.56 -12.48
CA CYS B 138 9.19 -16.39 -11.63
C CYS B 138 9.87 -16.75 -10.31
N LEU B 139 10.77 -15.89 -9.84
CA LEU B 139 11.44 -16.09 -8.55
C LEU B 139 11.10 -14.95 -7.62
N CYS B 140 10.72 -15.29 -6.40
CA CYS B 140 10.39 -14.28 -5.42
C CYS B 140 11.10 -14.54 -4.11
N VAL B 141 11.86 -13.55 -3.67
CA VAL B 141 12.53 -13.64 -2.38
C VAL B 141 11.91 -12.60 -1.45
N TYR B 142 11.68 -12.99 -0.21
CA TYR B 142 11.08 -12.14 0.80
C TYR B 142 11.98 -12.06 2.02
N ASP B 143 11.90 -10.95 2.74
CA ASP B 143 12.62 -10.78 3.99
C ASP B 143 11.70 -11.00 5.18
N VAL B 144 12.29 -11.29 6.33
CA VAL B 144 11.58 -11.35 7.60
C VAL B 144 12.46 -10.94 8.78
N THR B 145 11.89 -10.16 9.69
CA THR B 145 12.58 -9.72 10.90
C THR B 145 12.61 -10.83 11.94
N PHE C 12 5.35 -18.72 18.76
CA PHE C 12 6.67 -18.64 18.07
C PHE C 12 6.50 -18.08 16.66
N GLN C 13 6.36 -18.97 15.67
CA GLN C 13 6.08 -18.57 14.30
C GLN C 13 4.62 -18.13 14.13
N SER C 14 3.74 -18.70 14.96
CA SER C 14 2.30 -18.37 14.93
C SER C 14 1.98 -16.91 15.25
N ASN C 15 2.52 -16.42 16.37
CA ASN C 15 2.38 -15.03 16.74
C ASN C 15 3.03 -14.11 15.72
N ALA C 16 4.07 -14.63 15.05
CA ALA C 16 4.72 -13.91 13.98
C ALA C 16 3.75 -13.69 12.81
N MSE C 17 3.10 -14.77 12.38
CA MSE C 17 2.08 -14.67 11.33
C MSE C 17 0.92 -13.78 11.79
O MSE C 17 0.48 -12.91 11.04
CB MSE C 17 1.57 -16.05 10.91
CG MSE C 17 2.38 -16.72 9.79
SE MSE C 17 1.77 -18.56 9.36
CE MSE C 17 0.20 -18.13 8.28
N ALA C 18 0.43 -14.00 13.01
CA ALA C 18 -0.68 -13.22 13.55
C ALA C 18 -0.37 -11.73 13.60
N LYS C 19 0.80 -11.39 14.16
CA LYS C 19 1.18 -9.99 14.31
C LYS C 19 1.31 -9.33 12.95
N SER C 20 1.75 -10.12 11.98
CA SER C 20 1.90 -9.65 10.61
C SER C 20 0.55 -9.32 9.96
N ARG C 21 -0.43 -10.20 10.12
CA ARG C 21 -1.76 -9.97 9.53
C ARG C 21 -2.46 -8.81 10.22
N LEU C 22 -2.23 -8.71 11.52
CA LEU C 22 -2.77 -7.64 12.36
C LEU C 22 -2.25 -6.27 11.92
N LEU C 23 -0.94 -6.20 11.64
CA LEU C 23 -0.31 -4.96 11.27
C LEU C 23 -0.80 -4.54 9.90
N LEU C 24 -0.77 -5.49 8.97
CA LEU C 24 -1.18 -5.24 7.60
C LEU C 24 -2.61 -4.66 7.62
N SER C 25 -3.47 -5.34 8.35
CA SER C 25 -4.84 -4.95 8.48
C SER C 25 -4.96 -3.53 9.01
N GLU C 26 -4.10 -3.14 9.93
CA GLU C 26 -4.27 -1.88 10.62
C GLU C 26 -3.77 -0.74 9.72
N LEU C 27 -2.75 -1.03 8.89
CA LEU C 27 -2.32 -0.06 7.89
C LEU C 27 -3.39 0.13 6.81
N LEU C 28 -3.98 -0.95 6.32
CA LEU C 28 -4.98 -0.79 5.27
C LEU C 28 -6.20 -0.03 5.77
N ASP C 29 -6.56 -0.23 7.03
CA ASP C 29 -7.72 0.47 7.58
C ASP C 29 -7.37 1.97 7.64
N GLN C 30 -6.14 2.30 8.05
CA GLN C 30 -5.77 3.71 8.20
C GLN C 30 -5.49 4.45 6.88
N LEU C 31 -5.03 3.72 5.88
CA LEU C 31 -4.79 4.30 4.56
C LEU C 31 -5.99 4.27 3.62
N SER C 32 -7.07 3.62 3.97
CA SER C 32 -8.15 3.51 3.00
C SER C 32 -8.82 4.85 2.80
N PHE C 33 -9.29 5.12 1.60
CA PHE C 33 -9.96 6.39 1.30
C PHE C 33 -10.91 6.23 0.14
N ALA C 34 -11.84 7.17 0.02
CA ALA C 34 -12.80 7.13 -1.06
C ALA C 34 -12.25 7.84 -2.27
N LEU C 35 -12.52 7.30 -3.45
CA LEU C 35 -11.99 7.89 -4.67
C LEU C 35 -13.04 7.82 -5.73
N CYS C 36 -13.20 8.92 -6.44
CA CYS C 36 -14.21 9.03 -7.46
C CYS C 36 -13.65 9.87 -8.58
N ILE C 37 -13.97 9.50 -9.81
CA ILE C 37 -13.53 10.29 -10.97
C ILE C 37 -14.77 10.76 -11.67
N VAL C 38 -14.81 12.07 -11.98
CA VAL C 38 -15.96 12.64 -12.71
C VAL C 38 -15.56 13.44 -13.95
N ARG C 39 -16.45 13.47 -14.93
CA ARG C 39 -16.27 14.26 -16.13
C ARG C 39 -16.50 15.73 -15.84
N ASN C 40 -16.36 16.58 -16.86
CA ASN C 40 -16.75 18.00 -16.83
C ASN C 40 -18.18 18.22 -16.39
N ASP C 41 -19.08 17.32 -16.79
CA ASP C 41 -20.51 17.45 -16.53
C ASP C 41 -20.84 16.85 -15.16
N TYR C 42 -19.81 16.49 -14.42
CA TYR C 42 -19.98 15.93 -13.09
C TYR C 42 -20.54 14.52 -13.16
N VAL C 43 -20.41 13.91 -14.33
CA VAL C 43 -20.81 12.54 -14.53
C VAL C 43 -19.73 11.63 -13.97
N ILE C 44 -20.11 10.73 -13.08
CA ILE C 44 -19.21 9.74 -12.48
C ILE C 44 -18.77 8.73 -13.53
N VAL C 45 -17.46 8.55 -13.70
CA VAL C 45 -16.97 7.49 -14.59
C VAL C 45 -16.27 6.35 -13.86
N LYS C 46 -15.81 6.59 -12.63
CA LYS C 46 -15.11 5.58 -11.84
C LYS C 46 -15.33 5.83 -10.37
N VAL C 47 -15.24 4.78 -9.57
CA VAL C 47 -15.47 4.86 -8.15
C VAL C 47 -14.72 3.70 -7.51
N ASN C 48 -14.15 3.88 -6.33
CA ASN C 48 -13.47 2.74 -5.69
C ASN C 48 -14.29 2.02 -4.63
N GLU C 49 -13.82 0.85 -4.21
CA GLU C 49 -14.56 0.02 -3.25
C GLU C 49 -14.94 0.81 -1.98
N TYR C 50 -14.03 1.64 -1.47
CA TYR C 50 -14.34 2.36 -0.23
C TYR C 50 -15.50 3.33 -0.40
N PHE C 51 -15.59 3.91 -1.61
CA PHE C 51 -16.68 4.80 -1.93
C PHE C 51 -17.99 4.03 -1.97
N GLU C 52 -18.03 2.96 -2.76
CA GLU C 52 -19.22 2.13 -2.88
C GLU C 52 -19.79 1.76 -1.52
N SER C 53 -18.92 1.42 -0.59
CA SER C 53 -19.36 0.85 0.67
C SER C 53 -19.85 1.89 1.67
N ARG C 54 -19.76 3.16 1.31
CA ARG C 54 -20.09 4.23 2.24
C ARG C 54 -21.22 5.11 1.72
N VAL C 55 -21.81 4.68 0.61
CA VAL C 55 -23.01 5.31 0.10
C VAL C 55 -24.04 4.21 -0.11
N ILE C 56 -25.31 4.60 -0.17
CA ILE C 56 -26.38 3.64 -0.40
C ILE C 56 -26.32 2.98 -1.77
N PHE C 57 -25.55 3.54 -2.68
CA PHE C 57 -25.55 3.05 -4.04
C PHE C 57 -24.41 2.10 -4.33
N ASP C 58 -24.64 1.24 -5.31
CA ASP C 58 -23.64 0.39 -5.88
C ASP C 58 -22.91 1.21 -6.93
N GLY C 59 -21.69 0.79 -7.24
CA GLY C 59 -20.87 1.43 -8.27
C GLY C 59 -21.46 1.28 -9.65
N GLU C 60 -22.30 0.26 -9.83
CA GLU C 60 -22.94 0.01 -11.12
C GLU C 60 -23.98 1.08 -11.45
N THR C 61 -24.86 1.37 -10.51
CA THR C 61 -25.87 2.39 -10.75
C THR C 61 -25.24 3.77 -10.85
N MSE C 62 -24.16 3.97 -10.12
CA MSE C 62 -23.48 5.27 -10.08
C MSE C 62 -22.78 5.66 -11.39
O MSE C 62 -22.73 6.85 -11.71
CB MSE C 62 -22.49 5.30 -8.94
CG MSE C 62 -23.12 5.57 -7.59
SE MSE C 62 -21.73 5.91 -6.28
CE MSE C 62 -22.50 7.40 -5.35
N GLN C 63 -22.26 4.68 -12.12
CA GLN C 63 -21.68 4.88 -13.46
C GLN C 63 -22.58 5.75 -14.34
N GLY C 64 -22.04 6.83 -14.88
CA GLY C 64 -22.80 7.64 -15.83
C GLY C 64 -23.90 8.49 -15.23
N LYS C 65 -23.92 8.57 -13.90
CA LYS C 65 -24.77 9.52 -13.19
C LYS C 65 -24.01 10.80 -12.82
N ASN C 66 -24.76 11.89 -12.64
CA ASN C 66 -24.24 13.18 -12.26
C ASN C 66 -24.13 13.21 -10.75
N ILE C 67 -22.92 13.42 -10.25
CA ILE C 67 -22.66 13.43 -8.82
C ILE C 67 -23.47 14.50 -8.07
N LEU C 68 -23.78 15.62 -8.74
CA LEU C 68 -24.52 16.69 -8.10
C LEU C 68 -25.95 16.22 -7.89
N GLU C 69 -26.51 15.61 -8.95
CA GLU C 69 -27.85 15.03 -8.92
C GLU C 69 -27.95 13.89 -7.91
N LEU C 70 -26.91 13.06 -7.85
CA LEU C 70 -26.88 11.94 -6.90
C LEU C 70 -26.74 12.34 -5.43
N PHE C 71 -26.10 13.47 -5.17
CA PHE C 71 -25.95 13.97 -3.80
C PHE C 71 -26.30 15.45 -3.66
N PRO C 72 -27.61 15.77 -3.68
CA PRO C 72 -28.04 17.15 -3.74
C PRO C 72 -27.74 17.98 -2.48
N GLU C 73 -27.60 17.33 -1.33
CA GLU C 73 -27.31 18.03 -0.08
C GLU C 73 -25.86 18.51 -0.01
N SER C 74 -25.02 17.98 -0.89
CA SER C 74 -23.62 18.38 -0.96
C SER C 74 -23.28 18.99 -2.31
N ALA C 75 -24.29 19.16 -3.16
CA ALA C 75 -24.11 19.64 -4.52
C ALA C 75 -23.49 21.03 -4.56
N ASP C 76 -24.01 21.93 -3.74
CA ASP C 76 -23.54 23.29 -3.70
C ASP C 76 -22.04 23.30 -3.43
N TYR C 77 -21.61 22.62 -2.38
CA TYR C 77 -20.23 22.64 -1.94
C TYR C 77 -19.30 22.00 -2.97
N LEU C 78 -19.74 20.85 -3.45
CA LEU C 78 -18.99 20.01 -4.36
C LEU C 78 -18.76 20.69 -5.70
N LYS C 79 -19.78 21.38 -6.19
CA LYS C 79 -19.71 22.07 -7.47
C LYS C 79 -18.61 23.13 -7.44
N ARG C 80 -18.62 23.93 -6.37
CA ARG C 80 -17.64 24.97 -6.18
C ARG C 80 -16.24 24.35 -6.14
N LYS C 81 -16.13 23.24 -5.45
CA LYS C 81 -14.85 22.58 -5.33
C LYS C 81 -14.36 22.06 -6.67
N ILE C 82 -15.23 21.36 -7.40
CA ILE C 82 -14.85 20.87 -8.72
C ILE C 82 -14.56 22.05 -9.67
N ASP C 83 -15.45 23.03 -9.67
CA ASP C 83 -15.29 24.19 -10.56
C ASP C 83 -14.00 24.96 -10.30
N THR C 84 -13.64 25.08 -9.03
CA THR C 84 -12.38 25.72 -8.67
C THR C 84 -11.27 25.02 -9.43
N ALA C 85 -11.22 23.70 -9.32
CA ALA C 85 -10.16 22.96 -9.99
C ALA C 85 -10.21 23.11 -11.50
N LEU C 86 -11.40 23.16 -12.09
CA LEU C 86 -11.52 23.36 -13.54
C LEU C 86 -11.01 24.73 -14.03
N VAL C 87 -11.28 25.79 -13.26
CA VAL C 87 -10.89 27.15 -13.70
C VAL C 87 -9.43 27.52 -13.41
N ILE C 88 -8.99 27.38 -12.16
CA ILE C 88 -7.60 27.72 -11.81
C ILE C 88 -6.62 26.64 -12.30
N GLU C 89 -7.16 25.56 -12.85
CA GLU C 89 -6.36 24.47 -13.42
C GLU C 89 -5.31 23.88 -12.47
N SER C 90 -5.69 23.59 -11.24
CA SER C 90 -4.76 22.89 -10.32
C SER C 90 -5.47 22.23 -9.15
N SER C 91 -4.82 21.26 -8.52
CA SER C 91 -5.38 20.49 -7.41
C SER C 91 -5.55 21.34 -6.17
N SER C 92 -6.44 20.91 -5.28
CA SER C 92 -6.68 21.60 -4.02
C SER C 92 -6.93 20.59 -2.92
N PHE C 93 -6.58 20.95 -1.70
CA PHE C 93 -6.70 20.05 -0.56
C PHE C 93 -7.14 20.79 0.68
N SER C 94 -8.19 20.32 1.33
CA SER C 94 -8.71 21.00 2.51
C SER C 94 -9.61 20.08 3.30
N SER C 95 -9.90 20.47 4.53
CA SER C 95 -10.91 19.77 5.31
C SER C 95 -12.28 20.10 4.70
N TRP C 96 -13.28 19.29 5.03
CA TRP C 96 -14.62 19.44 4.46
C TRP C 96 -15.42 20.54 5.17
N GLU C 97 -15.52 21.71 4.52
CA GLU C 97 -16.19 22.92 5.07
C GLU C 97 -17.66 22.79 5.46
N GLN C 98 -18.47 22.18 4.59
CA GLN C 98 -19.95 22.22 4.70
C GLN C 98 -20.54 21.08 5.54
N LYS C 99 -21.53 21.39 6.38
CA LYS C 99 -22.05 20.43 7.37
C LYS C 99 -22.72 19.15 6.81
N PRO C 100 -23.37 19.23 5.61
CA PRO C 100 -23.73 17.93 5.04
C PRO C 100 -22.52 17.25 4.36
N HIS C 101 -21.94 16.25 5.03
CA HIS C 101 -20.85 15.46 4.47
C HIS C 101 -21.35 14.53 3.39
N LEU C 102 -20.56 14.33 2.36
CA LEU C 102 -20.89 13.40 1.30
C LEU C 102 -20.91 11.97 1.82
N LEU C 103 -19.90 11.62 2.63
CA LEU C 103 -19.79 10.29 3.23
C LEU C 103 -19.89 10.33 4.75
N PRO C 104 -20.52 9.30 5.36
CA PRO C 104 -20.44 9.07 6.80
C PRO C 104 -19.00 8.87 7.27
N PHE C 105 -18.79 8.83 8.58
CA PHE C 105 -17.44 8.73 9.15
C PHE C 105 -16.90 7.30 9.29
N LYS C 106 -17.75 6.40 9.78
CA LYS C 106 -17.33 5.01 10.04
C LYS C 106 -16.89 4.28 8.77
N GLN C 117 -14.16 13.04 18.64
CA GLN C 117 -14.45 13.97 17.55
C GLN C 117 -13.48 13.75 16.39
N MSE C 118 -14.02 13.81 15.17
CA MSE C 118 -13.24 13.55 13.96
C MSE C 118 -13.67 14.45 12.79
O MSE C 118 -14.59 15.25 12.93
CB MSE C 118 -13.32 12.07 13.58
CG MSE C 118 -14.71 11.49 13.48
SE MSE C 118 -14.69 9.54 13.59
CE MSE C 118 -16.41 9.27 14.49
N TYR C 119 -12.98 14.34 11.66
CA TYR C 119 -13.31 15.13 10.48
C TYR C 119 -12.89 14.48 9.15
N GLN C 120 -13.11 15.21 8.06
CA GLN C 120 -12.81 14.74 6.70
C GLN C 120 -12.04 15.77 5.90
N ASN C 121 -10.99 15.30 5.22
CA ASN C 121 -10.32 16.09 4.21
C ASN C 121 -10.85 15.74 2.82
N LEU C 122 -10.81 16.72 1.93
CA LEU C 122 -11.21 16.54 0.54
C LEU C 122 -10.10 16.99 -0.39
N GLU C 123 -9.72 16.11 -1.31
CA GLU C 123 -8.72 16.46 -2.31
C GLU C 123 -9.37 16.45 -3.69
N VAL C 124 -9.12 17.49 -4.46
CA VAL C 124 -9.62 17.57 -5.83
C VAL C 124 -8.44 17.74 -6.78
N ILE C 125 -8.31 16.84 -7.75
CA ILE C 125 -7.19 16.85 -8.70
C ILE C 125 -7.70 16.85 -10.14
N PRO C 126 -7.29 17.86 -10.92
CA PRO C 126 -7.62 17.95 -12.34
C PRO C 126 -6.86 16.92 -13.17
N ILE C 127 -7.54 16.27 -14.12
CA ILE C 127 -6.83 15.43 -15.09
C ILE C 127 -6.86 16.06 -16.48
N HIS C 128 -5.67 16.36 -17.00
CA HIS C 128 -5.52 17.06 -18.29
C HIS C 128 -5.51 16.10 -19.47
N SER C 129 -6.25 16.45 -20.51
CA SER C 129 -6.24 15.71 -21.76
C SER C 129 -4.96 15.92 -22.57
N GLU C 130 -4.77 15.08 -23.58
CA GLU C 130 -3.69 15.19 -24.56
C GLU C 130 -3.59 16.65 -25.07
N ASP C 131 -4.74 17.20 -25.44
CA ASP C 131 -4.85 18.58 -25.93
C ASP C 131 -4.51 19.64 -24.85
N GLY C 132 -4.71 19.31 -23.58
CA GLY C 132 -4.33 20.19 -22.48
C GLY C 132 -5.46 20.50 -21.52
N THR C 133 -6.69 20.32 -21.98
CA THR C 133 -7.89 20.69 -21.22
C THR C 133 -8.26 19.64 -20.17
N ILE C 134 -8.83 20.11 -19.06
CA ILE C 134 -9.30 19.25 -18.00
C ILE C 134 -10.59 18.57 -18.44
N GLU C 135 -10.59 17.25 -18.54
CA GLU C 135 -11.78 16.54 -18.99
C GLU C 135 -12.32 15.59 -17.94
N HIS C 136 -11.47 15.29 -16.95
CA HIS C 136 -11.88 14.56 -15.78
C HIS C 136 -11.28 15.25 -14.57
N VAL C 137 -11.91 15.09 -13.43
CA VAL C 137 -11.29 15.48 -12.17
C VAL C 137 -11.49 14.37 -11.17
N CYS C 138 -10.50 14.22 -10.28
CA CYS C 138 -10.42 13.12 -9.34
C CYS C 138 -10.70 13.63 -7.92
N LEU C 139 -11.68 13.03 -7.23
CA LEU C 139 -11.99 13.41 -5.86
C LEU C 139 -11.59 12.30 -4.88
N CYS C 140 -10.92 12.70 -3.79
CA CYS C 140 -10.55 11.75 -2.76
C CYS C 140 -10.99 12.32 -1.43
N VAL C 141 -11.71 11.52 -0.67
CA VAL C 141 -12.11 11.90 0.68
C VAL C 141 -11.36 11.06 1.70
N TYR C 142 -10.74 11.73 2.68
CA TYR C 142 -10.01 11.02 3.72
C TYR C 142 -10.68 11.21 5.06
N ASP C 143 -10.45 10.28 5.99
CA ASP C 143 -11.03 10.39 7.30
C ASP C 143 -9.97 10.50 8.39
N VAL C 144 -10.09 11.52 9.22
CA VAL C 144 -9.15 11.70 10.34
C VAL C 144 -9.85 11.65 11.71
N THR C 145 -9.19 11.01 12.68
CA THR C 145 -9.68 10.92 14.06
C THR C 145 -8.67 11.52 15.03
N ILE C 146 -9.10 12.54 15.79
CA ILE C 146 -8.23 13.24 16.75
C ILE C 146 -8.72 13.09 18.18
N LEU D 10 0.66 12.93 -18.73
CA LEU D 10 1.46 12.78 -17.47
C LEU D 10 2.53 13.86 -17.29
N TYR D 11 2.61 14.81 -18.23
CA TYR D 11 3.55 15.94 -18.16
C TYR D 11 3.17 16.97 -17.08
N PHE D 12 1.86 17.04 -16.78
CA PHE D 12 1.33 17.93 -15.75
C PHE D 12 1.42 17.25 -14.40
N GLN D 13 1.75 18.01 -13.36
CA GLN D 13 1.89 17.44 -12.03
C GLN D 13 0.55 16.93 -11.51
N SER D 14 -0.55 17.60 -11.86
CA SER D 14 -1.89 17.13 -11.52
C SER D 14 -2.10 15.69 -12.00
N ASN D 15 -1.74 15.39 -13.24
CA ASN D 15 -1.89 14.04 -13.75
C ASN D 15 -1.11 13.02 -12.90
N ALA D 16 0.14 13.35 -12.59
CA ALA D 16 0.99 12.51 -11.73
C ALA D 16 0.28 12.23 -10.41
N MSE D 17 -0.31 13.27 -9.86
CA MSE D 17 -0.98 13.20 -8.59
C MSE D 17 -2.15 12.22 -8.64
O MSE D 17 -2.27 11.32 -7.81
CB MSE D 17 -1.48 14.59 -8.28
CG MSE D 17 -1.43 14.96 -6.85
SE MSE D 17 -1.29 16.89 -6.82
CE MSE D 17 -0.66 17.02 -4.96
N ALA D 18 -3.01 12.42 -9.64
CA ALA D 18 -4.09 11.51 -9.92
C ALA D 18 -3.58 10.07 -10.05
N LYS D 19 -2.57 9.86 -10.90
CA LYS D 19 -2.01 8.51 -11.09
C LYS D 19 -1.74 7.86 -9.74
N SER D 20 -0.94 8.54 -8.91
CA SER D 20 -0.64 8.03 -7.58
C SER D 20 -1.89 7.59 -6.86
N ARG D 21 -2.86 8.49 -6.74
CA ARG D 21 -4.08 8.21 -5.99
C ARG D 21 -4.73 6.97 -6.56
N LEU D 22 -4.83 6.91 -7.89
CA LEU D 22 -5.37 5.72 -8.54
C LEU D 22 -4.62 4.42 -8.23
N LEU D 23 -3.29 4.45 -8.36
CA LEU D 23 -2.45 3.29 -8.03
C LEU D 23 -2.61 2.82 -6.59
N LEU D 24 -2.61 3.78 -5.65
CA LEU D 24 -2.79 3.46 -4.23
C LEU D 24 -4.14 2.81 -4.01
N SER D 25 -5.13 3.30 -4.74
CA SER D 25 -6.46 2.77 -4.60
C SER D 25 -6.48 1.31 -5.09
N GLU D 26 -5.67 1.00 -6.10
CA GLU D 26 -5.65 -0.34 -6.67
C GLU D 26 -4.90 -1.30 -5.73
N LEU D 27 -3.73 -0.87 -5.29
CA LEU D 27 -2.95 -1.58 -4.28
C LEU D 27 -3.80 -1.89 -3.06
N LEU D 28 -4.44 -0.88 -2.47
CA LEU D 28 -5.28 -1.11 -1.29
C LEU D 28 -6.44 -2.05 -1.56
N ASP D 29 -7.08 -1.91 -2.71
CA ASP D 29 -8.21 -2.77 -3.00
C ASP D 29 -7.78 -4.23 -3.27
N GLN D 30 -6.53 -4.43 -3.71
CA GLN D 30 -5.97 -5.77 -3.93
C GLN D 30 -5.68 -6.50 -2.64
N LEU D 31 -5.11 -5.79 -1.66
CA LEU D 31 -4.70 -6.40 -0.39
C LEU D 31 -5.82 -6.48 0.63
N SER D 32 -6.87 -5.70 0.42
CA SER D 32 -8.08 -5.76 1.19
C SER D 32 -8.44 -7.19 1.61
N PHE D 33 -8.57 -7.42 2.92
CA PHE D 33 -9.01 -8.75 3.40
C PHE D 33 -9.78 -8.65 4.71
N ALA D 34 -10.56 -9.67 5.04
CA ALA D 34 -11.38 -9.61 6.24
C ALA D 34 -10.58 -10.23 7.38
N LEU D 35 -10.67 -9.65 8.56
CA LEU D 35 -9.92 -10.14 9.68
C LEU D 35 -10.67 -9.97 10.97
N CYS D 36 -10.70 -11.03 11.76
CA CYS D 36 -11.15 -10.91 13.14
C CYS D 36 -10.38 -11.85 14.04
N ILE D 37 -10.45 -11.58 15.33
CA ILE D 37 -9.80 -12.41 16.32
C ILE D 37 -10.86 -13.03 17.21
N VAL D 38 -10.72 -14.33 17.40
CA VAL D 38 -11.69 -15.14 18.15
C VAL D 38 -11.08 -15.75 19.40
N ARG D 39 -11.75 -15.56 20.52
CA ARG D 39 -11.38 -16.19 21.77
C ARG D 39 -11.82 -17.65 21.75
N ASN D 40 -11.17 -18.50 22.55
CA ASN D 40 -11.45 -19.95 22.51
C ASN D 40 -12.85 -20.36 23.00
N ASP D 41 -13.70 -19.37 23.29
CA ASP D 41 -15.13 -19.61 23.48
C ASP D 41 -15.93 -19.04 22.30
N TYR D 42 -15.26 -18.90 21.16
CA TYR D 42 -15.85 -18.46 19.87
C TYR D 42 -16.35 -17.00 19.79
N VAL D 43 -15.93 -16.15 20.72
CA VAL D 43 -16.39 -14.76 20.66
C VAL D 43 -15.34 -13.87 20.03
N ILE D 44 -15.81 -12.76 19.44
CA ILE D 44 -14.92 -11.86 18.75
C ILE D 44 -14.43 -10.74 19.64
N VAL D 45 -13.13 -10.72 19.87
CA VAL D 45 -12.50 -9.66 20.64
C VAL D 45 -11.98 -8.50 19.78
N LYS D 46 -11.83 -8.73 18.47
CA LYS D 46 -11.30 -7.69 17.57
C LYS D 46 -11.66 -7.90 16.10
N VAL D 47 -12.14 -6.86 15.43
CA VAL D 47 -12.43 -6.98 14.00
C VAL D 47 -12.09 -5.74 13.15
N ASN D 48 -11.58 -6.01 11.95
CA ASN D 48 -11.55 -5.15 10.78
C ASN D 48 -12.71 -4.22 10.56
N GLU D 49 -12.44 -2.99 10.16
CA GLU D 49 -13.50 -2.19 9.57
C GLU D 49 -13.96 -2.85 8.27
N TYR D 50 -13.08 -3.62 7.64
CA TYR D 50 -13.37 -4.29 6.38
C TYR D 50 -14.41 -5.39 6.52
N PHE D 51 -14.26 -6.23 7.54
CA PHE D 51 -15.21 -7.30 7.82
C PHE D 51 -16.57 -6.67 8.13
N GLU D 52 -16.56 -5.76 9.10
CA GLU D 52 -17.77 -5.12 9.61
C GLU D 52 -18.57 -4.39 8.55
N SER D 53 -17.88 -3.90 7.53
CA SER D 53 -18.51 -3.09 6.50
C SER D 53 -18.93 -3.90 5.27
N ARG D 54 -18.60 -5.19 5.23
CA ARG D 54 -18.87 -6.00 4.04
C ARG D 54 -19.63 -7.31 4.30
N VAL D 55 -20.07 -7.55 5.54
CA VAL D 55 -20.73 -8.82 5.87
C VAL D 55 -21.98 -8.70 6.75
N ILE D 56 -23.04 -9.40 6.36
CA ILE D 56 -24.26 -9.60 7.15
C ILE D 56 -24.73 -8.36 7.93
N GLY D 59 -25.52 -8.46 14.80
CA GLY D 59 -26.43 -7.48 14.24
C GLY D 59 -25.87 -6.06 14.43
N GLU D 60 -26.00 -5.56 15.82
CA GLU D 60 -25.60 -4.21 16.21
C GLU D 60 -24.19 -3.89 15.69
N THR D 61 -23.21 -4.65 16.17
CA THR D 61 -21.82 -4.61 15.66
C THR D 61 -21.19 -5.96 15.96
N MSE D 62 -20.20 -6.36 15.15
CA MSE D 62 -19.59 -7.68 15.32
C MSE D 62 -18.78 -7.82 16.60
O MSE D 62 -18.77 -8.88 17.21
CB MSE D 62 -18.73 -8.04 14.11
CG MSE D 62 -19.46 -8.79 13.01
SE MSE D 62 -18.35 -9.04 11.41
CE MSE D 62 -17.03 -10.28 12.12
N GLN D 63 -18.11 -6.75 17.00
CA GLN D 63 -17.28 -6.74 18.19
C GLN D 63 -18.02 -7.33 19.40
N GLY D 64 -17.39 -8.29 20.06
CA GLY D 64 -17.91 -8.85 21.32
C GLY D 64 -19.14 -9.74 21.20
N LYS D 65 -19.10 -10.70 20.28
CA LYS D 65 -20.16 -11.70 20.15
C LYS D 65 -19.76 -12.96 19.37
N ASN D 66 -20.70 -13.89 19.20
CA ASN D 66 -20.42 -15.23 18.70
C ASN D 66 -20.44 -15.39 17.18
N ILE D 67 -19.34 -15.90 16.63
CA ILE D 67 -19.19 -16.08 15.17
C ILE D 67 -20.09 -17.17 14.62
N LEU D 68 -20.16 -18.30 15.33
CA LEU D 68 -21.01 -19.43 14.95
C LEU D 68 -22.48 -19.01 14.91
N GLU D 69 -22.88 -18.15 15.85
CA GLU D 69 -24.24 -17.63 15.89
C GLU D 69 -24.49 -16.51 14.88
N LEU D 70 -23.44 -15.85 14.42
CA LEU D 70 -23.58 -14.82 13.40
C LEU D 70 -23.66 -15.39 11.97
N PHE D 71 -23.11 -16.59 11.77
CA PHE D 71 -23.09 -17.21 10.45
C PHE D 71 -23.45 -18.70 10.51
N PRO D 72 -24.65 -19.05 11.03
CA PRO D 72 -24.99 -20.46 11.26
C PRO D 72 -24.89 -21.33 10.00
N GLU D 73 -25.00 -20.70 8.84
CA GLU D 73 -24.88 -21.36 7.54
C GLU D 73 -23.52 -22.04 7.34
N SER D 74 -22.53 -21.67 8.16
CA SER D 74 -21.19 -22.24 8.08
C SER D 74 -20.54 -22.46 9.45
N ALA D 75 -21.40 -22.60 10.47
CA ALA D 75 -20.98 -22.80 11.86
C ALA D 75 -20.26 -24.14 12.09
N ASP D 76 -20.70 -25.17 11.39
CA ASP D 76 -19.99 -26.46 11.38
C ASP D 76 -18.57 -26.28 10.82
N TYR D 77 -18.48 -25.71 9.62
CA TYR D 77 -17.20 -25.51 8.95
C TYR D 77 -16.25 -24.67 9.82
N LEU D 78 -16.81 -23.66 10.48
CA LEU D 78 -15.97 -22.76 11.27
C LEU D 78 -15.47 -23.39 12.55
N LYS D 79 -16.38 -24.00 13.31
CA LYS D 79 -15.97 -24.64 14.56
C LYS D 79 -14.76 -25.53 14.32
N ARG D 80 -14.84 -26.38 13.30
CA ARG D 80 -13.80 -27.34 12.97
C ARG D 80 -12.48 -26.62 12.70
N LYS D 81 -12.52 -25.65 11.80
CA LYS D 81 -11.32 -24.92 11.42
C LYS D 81 -10.65 -24.19 12.59
N ILE D 82 -11.47 -23.69 13.51
CA ILE D 82 -10.97 -23.09 14.75
C ILE D 82 -10.46 -24.17 15.70
N ASP D 83 -11.32 -25.18 15.99
CA ASP D 83 -10.95 -26.29 16.88
C ASP D 83 -9.62 -26.94 16.49
N THR D 84 -9.43 -27.12 15.17
CA THR D 84 -8.19 -27.67 14.60
C THR D 84 -7.00 -26.84 15.05
N ALA D 85 -7.09 -25.53 14.85
CA ALA D 85 -5.98 -24.65 15.15
C ALA D 85 -5.54 -24.79 16.59
N LEU D 86 -6.48 -24.65 17.53
CA LEU D 86 -6.13 -24.64 18.94
C LEU D 86 -5.70 -26.00 19.50
N VAL D 87 -6.07 -27.08 18.82
CA VAL D 87 -5.62 -28.40 19.25
C VAL D 87 -4.28 -28.84 18.62
N ILE D 88 -4.15 -28.72 17.29
CA ILE D 88 -2.88 -29.03 16.65
C ILE D 88 -1.87 -27.90 16.84
N GLU D 89 -2.38 -26.72 17.16
CA GLU D 89 -1.58 -25.51 17.44
C GLU D 89 -0.74 -25.08 16.24
N SER D 90 -1.38 -25.02 15.08
CA SER D 90 -0.73 -24.53 13.86
C SER D 90 -1.74 -23.81 12.97
N SER D 91 -1.20 -23.05 12.02
CA SER D 91 -1.98 -22.40 10.98
C SER D 91 -2.66 -23.39 10.05
N SER D 92 -3.84 -23.00 9.55
CA SER D 92 -4.53 -23.73 8.50
C SER D 92 -4.72 -22.82 7.28
N PHE D 93 -4.94 -23.43 6.13
CA PHE D 93 -5.25 -22.69 4.92
C PHE D 93 -6.23 -23.51 4.07
N SER D 94 -7.44 -22.99 3.90
CA SER D 94 -8.53 -23.72 3.24
C SER D 94 -8.98 -23.09 1.93
N SER D 95 -9.46 -23.94 1.03
CA SER D 95 -9.90 -23.52 -0.29
C SER D 95 -11.33 -22.99 -0.24
N GLU D 97 -18.28 -23.56 -1.41
CA GLU D 97 -17.39 -22.63 -2.07
C GLU D 97 -17.24 -21.34 -1.26
N GLN D 98 -18.36 -20.63 -1.07
CA GLN D 98 -18.38 -19.41 -0.25
C GLN D 98 -18.61 -19.75 1.23
N LYS D 99 -17.82 -19.15 2.10
CA LYS D 99 -17.82 -19.48 3.54
C LYS D 99 -18.14 -18.29 4.46
N PRO D 100 -18.79 -17.27 3.92
CA PRO D 100 -19.25 -16.10 4.69
C PRO D 100 -20.32 -15.33 3.91
N HIS D 101 -21.15 -14.58 4.63
CA HIS D 101 -22.23 -13.80 4.03
C HIS D 101 -21.75 -12.43 3.54
N LEU D 102 -20.64 -12.41 2.80
CA LEU D 102 -20.04 -11.16 2.31
C LEU D 102 -20.77 -10.62 1.09
N MSE D 118 -13.93 -16.29 -7.80
CA MSE D 118 -14.78 -17.48 -7.73
C MSE D 118 -15.28 -17.79 -6.30
O MSE D 118 -16.43 -18.20 -6.13
CB MSE D 118 -14.08 -18.69 -8.34
N TYR D 119 -14.44 -17.60 -5.28
CA TYR D 119 -14.81 -17.84 -3.87
C TYR D 119 -13.90 -17.18 -2.81
N GLN D 120 -13.96 -17.73 -1.59
CA GLN D 120 -13.25 -17.19 -0.42
C GLN D 120 -12.25 -18.19 0.16
N ASN D 121 -11.09 -17.70 0.55
CA ASN D 121 -10.07 -18.52 1.21
C ASN D 121 -9.97 -18.13 2.66
N LEU D 122 -9.70 -19.11 3.52
CA LEU D 122 -9.67 -18.85 4.94
C LEU D 122 -8.35 -19.28 5.55
N GLU D 123 -7.92 -18.55 6.57
CA GLU D 123 -6.66 -18.76 7.23
C GLU D 123 -6.94 -18.63 8.71
N VAL D 124 -6.38 -19.51 9.51
CA VAL D 124 -6.64 -19.54 10.94
C VAL D 124 -5.31 -19.68 11.67
N ILE D 125 -4.92 -18.65 12.41
CA ILE D 125 -3.65 -18.69 13.15
C ILE D 125 -3.89 -18.68 14.65
N PRO D 126 -3.34 -19.68 15.38
CA PRO D 126 -3.41 -19.66 16.83
C PRO D 126 -2.50 -18.60 17.45
N ILE D 127 -2.95 -17.97 18.53
CA ILE D 127 -2.13 -16.99 19.22
C ILE D 127 -1.76 -17.48 20.62
N HIS D 128 -0.46 -17.72 20.82
CA HIS D 128 0.08 -18.20 22.09
C HIS D 128 0.16 -17.10 23.14
N SER D 129 -0.40 -17.35 24.32
CA SER D 129 -0.18 -16.48 25.46
C SER D 129 1.26 -16.63 25.96
N GLU D 130 1.69 -15.72 26.83
CA GLU D 130 3.06 -15.67 27.35
C GLU D 130 3.47 -16.99 28.03
N ASP D 131 2.50 -17.68 28.62
CA ASP D 131 2.74 -19.02 29.21
C ASP D 131 2.89 -20.12 28.17
N GLY D 132 2.28 -19.92 26.99
CA GLY D 132 2.36 -20.89 25.89
C GLY D 132 1.01 -21.42 25.43
N THR D 133 -0.03 -21.16 26.21
CA THR D 133 -1.37 -21.66 25.91
C THR D 133 -2.10 -20.80 24.89
N ILE D 134 -2.79 -21.45 23.96
CA ILE D 134 -3.66 -20.79 23.00
C ILE D 134 -4.99 -20.46 23.65
N GLU D 135 -5.35 -19.18 23.62
CA GLU D 135 -6.69 -18.75 23.99
C GLU D 135 -7.31 -17.91 22.88
N HIS D 136 -6.55 -17.73 21.79
CA HIS D 136 -7.03 -16.97 20.64
C HIS D 136 -6.59 -17.51 19.28
N VAL D 137 -7.48 -17.42 18.30
CA VAL D 137 -7.07 -17.58 16.90
C VAL D 137 -7.42 -16.37 16.06
N CYS D 138 -6.54 -16.09 15.12
CA CYS D 138 -6.74 -15.06 14.12
C CYS D 138 -7.40 -15.68 12.90
N LEU D 139 -8.39 -14.99 12.36
CA LEU D 139 -9.15 -15.47 11.21
C LEU D 139 -9.09 -14.49 10.08
N CYS D 140 -8.65 -14.97 8.94
CA CYS D 140 -8.55 -14.14 7.76
C CYS D 140 -9.30 -14.79 6.63
N VAL D 141 -10.12 -13.99 5.96
CA VAL D 141 -10.83 -14.44 4.77
C VAL D 141 -10.41 -13.53 3.62
N TYR D 142 -9.99 -14.13 2.53
CA TYR D 142 -9.57 -13.39 1.37
C TYR D 142 -10.56 -13.60 0.24
N ASP D 143 -10.95 -12.52 -0.42
CA ASP D 143 -11.78 -12.64 -1.62
C ASP D 143 -10.97 -13.04 -2.85
N VAL D 144 -11.55 -13.91 -3.67
CA VAL D 144 -10.94 -14.33 -4.93
C VAL D 144 -11.98 -14.26 -6.04
#